data_6AMB
#
_entry.id   6AMB
#
_cell.length_a   48.239
_cell.length_b   57.152
_cell.length_c   73.329
_cell.angle_alpha   90.000
_cell.angle_beta   90.000
_cell.angle_gamma   90.000
#
_symmetry.space_group_name_H-M   'P 21 21 21'
#
loop_
_entity.id
_entity.type
_entity.pdbx_description
1 polymer 'GTPase HRas'
2 polymer Afadin
3 non-polymer 'PHOSPHOAMINOPHOSPHONIC ACID-GUANYLATE ESTER'
4 non-polymer 'MAGNESIUM ION'
5 water water
#
loop_
_entity_poly.entity_id
_entity_poly.type
_entity_poly.pdbx_seq_one_letter_code
_entity_poly.pdbx_strand_id
1 'polypeptide(L)'
;HMMTEYKLVVVGAGGVGKSALTIQLIQNHFVDEYDPTIEDSYRKQVVIDGETCLLDILDTAGQEEYSAMRDQYMRTGEGF
LCVFAINNTKSFEDIHQYREQIKRVKDSDDVPMVLVGNKCDLAARTVESRQAQDLARSYGIPYIETSAKTRQGVEDAFYT
LVREIRQHKL
;
A
2 'polypeptide(L)'
;EFHGVMRFYFQDKAAGNFATKCIRVSSTATTQDVIETLAEKFRPDMRMLSSPKYSLYEVHVSGERRLDIDEKPLVVQLNW
NKDDREGRFVLKNENDAIP
;
B
#
loop_
_chem_comp.id
_chem_comp.type
_chem_comp.name
_chem_comp.formula
GNP non-polymer 'PHOSPHOAMINOPHOSPHONIC ACID-GUANYLATE ESTER' 'C10 H17 N6 O13 P3'
MG non-polymer 'MAGNESIUM ION' 'Mg 2'
#
# COMPACT_ATOMS: atom_id res chain seq x y z
N HIS A 1 12.31 -23.78 -3.76
CA HIS A 1 11.90 -24.89 -4.63
C HIS A 1 11.30 -24.39 -5.93
N MET A 2 10.21 -23.65 -5.83
CA MET A 2 9.48 -23.19 -7.01
C MET A 2 9.15 -21.71 -6.86
N MET A 3 8.93 -21.06 -8.00
CA MET A 3 8.53 -19.67 -8.03
C MET A 3 7.10 -19.53 -7.53
N THR A 4 6.87 -18.55 -6.65
CA THR A 4 5.56 -18.31 -6.07
C THR A 4 5.28 -16.81 -6.08
N GLU A 5 4.00 -16.46 -6.18
CA GLU A 5 3.55 -15.08 -6.12
C GLU A 5 2.67 -14.88 -4.89
N TYR A 6 2.93 -13.81 -4.15
CA TYR A 6 2.19 -13.48 -2.95
C TYR A 6 1.61 -12.07 -3.10
N LYS A 7 0.31 -11.94 -2.86
CA LYS A 7 -0.37 -10.65 -2.88
C LYS A 7 -0.53 -10.18 -1.43
N LEU A 8 0.30 -9.22 -1.02
CA LEU A 8 0.24 -8.64 0.31
C LEU A 8 -0.56 -7.34 0.26
N VAL A 9 -1.40 -7.14 1.27
CA VAL A 9 -2.21 -5.94 1.40
C VAL A 9 -1.92 -5.33 2.76
N VAL A 10 -1.40 -4.12 2.77
CA VAL A 10 -1.12 -3.42 4.02
C VAL A 10 -2.38 -2.69 4.47
N VAL A 11 -2.73 -2.86 5.74
CA VAL A 11 -4.03 -2.47 6.25
C VAL A 11 -3.86 -1.83 7.62
N GLY A 12 -4.62 -0.78 7.88
CA GLY A 12 -4.56 -0.10 9.16
C GLY A 12 -5.04 1.33 9.05
N ALA A 13 -5.12 1.97 10.22
CA ALA A 13 -5.61 3.34 10.32
C ALA A 13 -4.62 4.32 9.71
N GLY A 14 -5.06 5.58 9.59
CA GLY A 14 -4.23 6.59 8.96
C GLY A 14 -3.09 7.05 9.85
N GLY A 15 -2.01 7.49 9.21
CA GLY A 15 -0.83 7.96 9.93
C GLY A 15 -0.18 6.91 10.78
N VAL A 16 -0.38 5.64 10.45
CA VAL A 16 0.10 4.55 11.28
C VAL A 16 1.47 4.04 10.84
N GLY A 17 1.88 4.35 9.61
CA GLY A 17 3.13 3.90 9.06
C GLY A 17 3.04 2.88 7.95
N LYS A 18 1.87 2.72 7.32
CA LYS A 18 1.71 1.73 6.27
C LYS A 18 2.57 2.06 5.06
N SER A 19 2.51 3.30 4.59
CA SER A 19 3.32 3.68 3.42
C SER A 19 4.81 3.62 3.74
N ALA A 20 5.19 4.09 4.93
CA ALA A 20 6.61 4.15 5.28
C ALA A 20 7.22 2.75 5.38
N LEU A 21 6.45 1.79 5.89
CA LEU A 21 6.93 0.41 5.94
C LEU A 21 7.11 -0.15 4.53
N THR A 22 6.12 0.05 3.67
CA THR A 22 6.19 -0.51 2.32
C THR A 22 7.36 0.08 1.53
N ILE A 23 7.53 1.42 1.61
CA ILE A 23 8.61 2.05 0.86
C ILE A 23 9.97 1.60 1.38
N GLN A 24 10.08 1.38 2.70
CA GLN A 24 11.32 0.86 3.26
C GLN A 24 11.68 -0.50 2.67
N LEU A 25 10.68 -1.38 2.50
CA LEU A 25 10.96 -2.68 1.93
C LEU A 25 11.32 -2.59 0.45
N ILE A 26 10.65 -1.71 -0.28
CA ILE A 26 10.87 -1.62 -1.72
C ILE A 26 12.14 -0.83 -2.04
N GLN A 27 12.31 0.33 -1.39
CA GLN A 27 13.36 1.26 -1.77
C GLN A 27 14.49 1.39 -0.76
N ASN A 28 14.36 0.76 0.42
CA ASN A 28 15.34 0.93 1.50
C ASN A 28 15.47 2.41 1.87
N HIS A 29 14.34 3.10 1.93
CA HIS A 29 14.29 4.54 2.15
C HIS A 29 13.09 4.87 3.04
N PHE A 30 13.28 5.81 3.95
CA PHE A 30 12.21 6.22 4.87
C PHE A 30 11.58 7.51 4.38
N VAL A 31 10.27 7.48 4.15
CA VAL A 31 9.53 8.68 3.78
C VAL A 31 9.26 9.53 5.02
N ASP A 32 9.45 10.83 4.89
CA ASP A 32 9.28 11.78 5.99
C ASP A 32 7.89 12.39 6.03
N GLU A 33 7.43 12.93 4.92
CA GLU A 33 6.15 13.62 4.89
C GLU A 33 4.99 12.63 5.02
N TYR A 34 3.90 13.11 5.58
CA TYR A 34 2.68 12.33 5.74
C TYR A 34 1.79 12.61 4.53
N ASP A 35 1.83 11.71 3.56
CA ASP A 35 0.97 11.81 2.38
C ASP A 35 -0.12 10.75 2.46
N PRO A 36 -1.36 11.13 2.70
CA PRO A 36 -2.42 10.11 2.84
C PRO A 36 -2.61 9.32 1.56
N THR A 37 -2.53 8.00 1.69
CA THR A 37 -2.60 7.08 0.56
C THR A 37 -4.04 6.78 0.21
N ILE A 38 -4.27 6.52 -1.08
CA ILE A 38 -5.54 5.98 -1.54
C ILE A 38 -5.33 4.48 -1.81
N GLU A 39 -4.57 4.16 -2.86
CA GLU A 39 -4.26 2.77 -3.22
C GLU A 39 -2.97 2.76 -4.02
N ASP A 40 -1.90 2.24 -3.43
CA ASP A 40 -0.60 2.15 -4.07
C ASP A 40 -0.19 0.69 -4.20
N SER A 41 0.43 0.35 -5.32
CA SER A 41 0.83 -1.02 -5.62
C SER A 41 2.33 -1.08 -5.89
N TYR A 42 2.94 -2.19 -5.50
CA TYR A 42 4.38 -2.39 -5.68
C TYR A 42 4.66 -3.85 -5.97
N ARG A 43 5.79 -4.10 -6.63
CA ARG A 43 6.23 -5.45 -6.98
C ARG A 43 7.71 -5.57 -6.67
N LYS A 44 8.07 -6.61 -5.92
CA LYS A 44 9.47 -6.86 -5.60
C LYS A 44 9.69 -8.35 -5.43
N GLN A 45 10.77 -8.85 -6.03
CA GLN A 45 11.13 -10.26 -5.95
C GLN A 45 12.21 -10.46 -4.91
N VAL A 46 11.98 -11.38 -3.98
CA VAL A 46 12.91 -11.66 -2.89
C VAL A 46 13.02 -13.17 -2.72
N VAL A 47 13.93 -13.57 -1.83
CA VAL A 47 14.14 -14.97 -1.47
C VAL A 47 13.78 -15.14 0.00
N ILE A 48 12.80 -16.00 0.27
CA ILE A 48 12.32 -16.26 1.61
C ILE A 48 12.32 -17.77 1.82
N ASP A 49 13.07 -18.24 2.81
CA ASP A 49 13.19 -19.68 3.11
C ASP A 49 13.61 -20.45 1.86
N GLY A 50 14.63 -19.94 1.18
CA GLY A 50 15.20 -20.64 0.04
C GLY A 50 14.27 -20.79 -1.14
N GLU A 51 13.45 -19.78 -1.42
CA GLU A 51 12.64 -19.79 -2.63
C GLU A 51 12.40 -18.34 -3.06
N THR A 52 12.41 -18.12 -4.37
CA THR A 52 12.17 -16.80 -4.91
C THR A 52 10.68 -16.50 -4.87
N CYS A 53 10.32 -15.40 -4.20
CA CYS A 53 8.93 -15.01 -4.03
C CYS A 53 8.70 -13.70 -4.76
N LEU A 54 7.72 -13.70 -5.67
CA LEU A 54 7.28 -12.47 -6.33
C LEU A 54 6.21 -11.84 -5.44
N LEU A 55 6.60 -10.80 -4.71
CA LEU A 55 5.67 -10.11 -3.82
C LEU A 55 4.98 -8.97 -4.56
N ASP A 56 3.66 -8.95 -4.49
CA ASP A 56 2.85 -7.86 -5.05
C ASP A 56 2.19 -7.16 -3.86
N ILE A 57 2.71 -5.99 -3.49
CA ILE A 57 2.32 -5.31 -2.27
C ILE A 57 1.36 -4.18 -2.60
N LEU A 58 0.25 -4.12 -1.86
CA LEU A 58 -0.80 -3.14 -2.06
C LEU A 58 -0.94 -2.32 -0.79
N ASP A 59 -0.39 -1.11 -0.80
CA ASP A 59 -0.57 -0.17 0.30
C ASP A 59 -1.90 0.55 0.15
N THR A 60 -2.72 0.49 1.19
CA THR A 60 -4.10 0.98 1.09
C THR A 60 -4.31 2.19 1.98
N ALA A 61 -5.51 2.76 1.89
CA ALA A 61 -5.87 3.97 2.61
C ALA A 61 -6.32 3.66 4.03
N GLY A 62 -5.90 4.50 4.98
CA GLY A 62 -6.38 4.40 6.33
C GLY A 62 -7.60 5.27 6.58
N GLN A 63 -7.60 6.47 5.98
CA GLN A 63 -8.72 7.40 6.11
C GLN A 63 -9.95 6.84 5.41
N GLU A 64 -11.09 6.84 6.11
CA GLU A 64 -12.29 6.25 5.53
C GLU A 64 -12.79 7.04 4.32
N GLU A 65 -12.53 8.35 4.28
CA GLU A 65 -12.90 9.16 3.13
C GLU A 65 -12.06 8.85 1.90
N TYR A 66 -10.93 8.17 2.05
CA TYR A 66 -10.10 7.77 0.92
C TYR A 66 -10.18 6.30 0.59
N SER A 67 -11.03 5.55 1.29
CA SER A 67 -11.08 4.09 1.17
C SER A 67 -12.46 3.68 0.66
N ALA A 68 -12.70 3.93 -0.63
CA ALA A 68 -13.98 3.60 -1.23
C ALA A 68 -14.04 2.12 -1.63
N MET A 69 -13.11 1.68 -2.47
CA MET A 69 -13.12 0.31 -2.97
C MET A 69 -12.21 -0.57 -2.11
N ARG A 70 -12.65 -0.77 -0.87
CA ARG A 70 -11.93 -1.65 0.04
C ARG A 70 -12.26 -3.11 -0.22
N ASP A 71 -13.52 -3.41 -0.56
CA ASP A 71 -13.94 -4.79 -0.72
C ASP A 71 -13.21 -5.48 -1.88
N GLN A 72 -12.83 -4.71 -2.90
CA GLN A 72 -12.23 -5.32 -4.08
C GLN A 72 -10.79 -5.73 -3.84
N TYR A 73 -9.99 -4.91 -3.13
CA TYR A 73 -8.62 -5.32 -2.90
C TYR A 73 -8.50 -6.31 -1.75
N MET A 74 -9.45 -6.31 -0.81
CA MET A 74 -9.49 -7.36 0.19
C MET A 74 -9.88 -8.71 -0.42
N ARG A 75 -10.60 -8.70 -1.55
CA ARG A 75 -10.84 -9.93 -2.28
C ARG A 75 -9.55 -10.45 -2.93
N THR A 76 -8.82 -9.55 -3.60
CA THR A 76 -7.64 -9.97 -4.34
C THR A 76 -6.46 -10.29 -3.43
N GLY A 77 -6.43 -9.77 -2.22
CA GLY A 77 -5.31 -10.02 -1.34
C GLY A 77 -5.32 -11.43 -0.78
N GLU A 78 -4.12 -11.98 -0.58
CA GLU A 78 -3.96 -13.28 0.04
C GLU A 78 -3.53 -13.18 1.50
N GLY A 79 -2.64 -12.25 1.82
CA GLY A 79 -2.28 -11.98 3.19
C GLY A 79 -2.46 -10.51 3.51
N PHE A 80 -2.59 -10.23 4.80
CA PHE A 80 -2.88 -8.87 5.25
C PHE A 80 -1.94 -8.47 6.37
N LEU A 81 -1.28 -7.33 6.19
CA LEU A 81 -0.39 -6.75 7.19
C LEU A 81 -1.20 -5.71 7.95
N CYS A 82 -1.69 -6.08 9.12
CA CYS A 82 -2.48 -5.19 9.96
C CYS A 82 -1.55 -4.38 10.84
N VAL A 83 -1.38 -3.11 10.50
CA VAL A 83 -0.41 -2.23 11.15
C VAL A 83 -1.14 -1.30 12.10
N PHE A 84 -0.61 -1.16 13.31
CA PHE A 84 -1.00 -0.11 14.23
C PHE A 84 0.25 0.57 14.75
N ALA A 85 0.07 1.76 15.33
CA ALA A 85 1.17 2.51 15.92
C ALA A 85 1.10 2.36 17.43
N ILE A 86 2.25 2.07 18.05
CA ILE A 86 2.25 1.83 19.50
C ILE A 86 1.96 3.09 20.29
N ASN A 87 2.15 4.27 19.70
CA ASN A 87 1.84 5.54 20.35
C ASN A 87 0.42 6.00 20.07
N ASN A 88 -0.44 5.14 19.52
CA ASN A 88 -1.79 5.53 19.12
C ASN A 88 -2.72 4.36 19.47
N THR A 89 -3.34 4.46 20.65
CA THR A 89 -4.25 3.41 21.10
C THR A 89 -5.48 3.30 20.20
N LYS A 90 -5.88 4.39 19.56
CA LYS A 90 -7.06 4.33 18.69
C LYS A 90 -6.81 3.45 17.48
N SER A 91 -5.65 3.60 16.84
CA SER A 91 -5.29 2.72 15.73
C SER A 91 -5.15 1.27 16.17
N PHE A 92 -4.84 1.03 17.44
CA PHE A 92 -4.79 -0.34 17.94
C PHE A 92 -6.19 -0.93 18.07
N GLU A 93 -7.17 -0.13 18.48
CA GLU A 93 -8.53 -0.62 18.62
C GLU A 93 -9.19 -0.81 17.25
N ASP A 94 -8.83 0.01 16.26
CA ASP A 94 -9.37 -0.15 14.92
C ASP A 94 -8.97 -1.47 14.27
N ILE A 95 -7.94 -2.13 14.80
CA ILE A 95 -7.44 -3.37 14.19
C ILE A 95 -8.57 -4.39 14.10
N HIS A 96 -9.38 -4.51 15.15
CA HIS A 96 -10.47 -5.49 15.13
C HIS A 96 -11.50 -5.16 14.06
N GLN A 97 -11.72 -3.87 13.78
CA GLN A 97 -12.64 -3.51 12.70
C GLN A 97 -12.09 -3.94 11.35
N TYR A 98 -10.80 -3.72 11.11
CA TYR A 98 -10.17 -4.22 9.89
C TYR A 98 -10.20 -5.74 9.86
N ARG A 99 -9.97 -6.37 11.01
CA ARG A 99 -9.97 -7.84 11.10
C ARG A 99 -11.30 -8.42 10.62
N GLU A 100 -12.41 -7.85 11.09
CA GLU A 100 -13.72 -8.41 10.77
C GLU A 100 -14.09 -8.16 9.31
N GLN A 101 -13.72 -7.00 8.77
CA GLN A 101 -14.00 -6.73 7.36
C GLN A 101 -13.25 -7.71 6.46
N ILE A 102 -12.02 -8.06 6.83
CA ILE A 102 -11.26 -9.01 6.03
C ILE A 102 -11.87 -10.39 6.11
N LYS A 103 -12.36 -10.78 7.29
CA LYS A 103 -13.01 -12.07 7.43
C LYS A 103 -14.35 -12.11 6.69
N ARG A 104 -15.00 -10.97 6.53
CA ARG A 104 -16.26 -10.96 5.78
C ARG A 104 -16.01 -11.04 4.29
N VAL A 105 -14.96 -10.36 3.80
CA VAL A 105 -14.64 -10.39 2.38
C VAL A 105 -14.26 -11.81 1.95
N LYS A 106 -13.32 -12.42 2.66
CA LYS A 106 -12.91 -13.79 2.37
C LYS A 106 -13.92 -14.82 2.85
N ASP A 107 -14.80 -14.45 3.79
CA ASP A 107 -15.83 -15.34 4.33
C ASP A 107 -15.21 -16.60 4.92
N SER A 108 -14.26 -16.41 5.83
CA SER A 108 -13.63 -17.51 6.56
C SER A 108 -12.88 -16.94 7.74
N ASP A 109 -12.70 -17.77 8.76
CA ASP A 109 -11.90 -17.42 9.92
C ASP A 109 -10.41 -17.69 9.73
N ASP A 110 -10.03 -18.36 8.65
CA ASP A 110 -8.65 -18.72 8.40
C ASP A 110 -8.10 -17.82 7.30
N VAL A 111 -7.81 -16.58 7.67
CA VAL A 111 -7.19 -15.60 6.78
C VAL A 111 -5.81 -15.29 7.32
N PRO A 112 -4.74 -15.54 6.56
CA PRO A 112 -3.39 -15.25 7.07
C PRO A 112 -3.20 -13.76 7.30
N MET A 113 -2.77 -13.42 8.52
CA MET A 113 -2.47 -12.05 8.89
C MET A 113 -1.25 -12.02 9.78
N VAL A 114 -0.69 -10.81 9.93
CA VAL A 114 0.41 -10.56 10.84
C VAL A 114 0.17 -9.20 11.49
N LEU A 115 0.07 -9.18 12.81
CA LEU A 115 -0.13 -7.93 13.54
C LEU A 115 1.18 -7.17 13.67
N VAL A 116 1.19 -5.92 13.23
CA VAL A 116 2.38 -5.10 13.20
C VAL A 116 2.17 -3.87 14.09
N GLY A 117 3.09 -3.67 15.03
CA GLY A 117 3.12 -2.45 15.81
C GLY A 117 4.25 -1.55 15.38
N ASN A 118 3.92 -0.39 14.81
CA ASN A 118 4.91 0.49 14.22
C ASN A 118 5.27 1.63 15.17
N LYS A 119 6.30 2.39 14.80
CA LYS A 119 6.79 3.54 15.57
C LYS A 119 7.39 3.11 16.90
N CYS A 120 8.13 2.00 16.90
CA CYS A 120 8.78 1.51 18.10
C CYS A 120 9.99 2.34 18.51
N ASP A 121 10.48 3.20 17.63
CA ASP A 121 11.56 4.12 17.98
C ASP A 121 11.12 5.23 18.92
N LEU A 122 9.81 5.43 19.10
CA LEU A 122 9.29 6.47 19.98
C LEU A 122 9.19 5.96 21.41
N ALA A 123 9.49 6.85 22.37
CA ALA A 123 9.38 6.51 23.77
C ALA A 123 7.99 6.71 24.33
N ALA A 124 7.11 7.43 23.63
CA ALA A 124 5.77 7.73 24.12
C ALA A 124 4.81 6.58 23.81
N ARG A 125 5.15 5.40 24.33
CA ARG A 125 4.33 4.22 24.09
C ARG A 125 3.02 4.32 24.87
N THR A 126 1.91 4.08 24.17
CA THR A 126 0.60 3.98 24.80
C THR A 126 0.00 2.58 24.68
N VAL A 127 0.62 1.70 23.90
CA VAL A 127 0.19 0.31 23.76
C VAL A 127 1.36 -0.56 24.18
N GLU A 128 1.20 -1.30 25.28
CA GLU A 128 2.26 -2.17 25.75
C GLU A 128 2.39 -3.39 24.83
N SER A 129 3.57 -4.02 24.88
CA SER A 129 3.84 -5.16 24.01
C SER A 129 2.93 -6.35 24.34
N ARG A 130 2.52 -6.48 25.60
CA ARG A 130 1.64 -7.60 25.96
C ARG A 130 0.22 -7.40 25.46
N GLN A 131 -0.25 -6.15 25.39
CA GLN A 131 -1.59 -5.90 24.89
C GLN A 131 -1.75 -6.42 23.46
N ALA A 132 -0.75 -6.17 22.61
CA ALA A 132 -0.82 -6.66 21.24
C ALA A 132 -0.60 -8.16 21.16
N GLN A 133 0.17 -8.73 22.10
CA GLN A 133 0.37 -10.16 22.12
C GLN A 133 -0.92 -10.91 22.43
N ASP A 134 -1.74 -10.36 23.33
CA ASP A 134 -3.03 -10.98 23.61
C ASP A 134 -3.92 -10.95 22.38
N LEU A 135 -3.98 -9.80 21.70
CA LEU A 135 -4.79 -9.69 20.50
C LEU A 135 -4.30 -10.62 19.40
N ALA A 136 -2.99 -10.73 19.24
CA ALA A 136 -2.43 -11.59 18.20
C ALA A 136 -2.70 -13.06 18.51
N ARG A 137 -2.45 -13.48 19.75
CA ARG A 137 -2.73 -14.85 20.14
C ARG A 137 -4.22 -15.17 20.07
N SER A 138 -5.08 -14.19 20.38
CA SER A 138 -6.51 -14.42 20.27
C SER A 138 -6.95 -14.57 18.81
N TYR A 139 -6.20 -13.98 17.89
CA TYR A 139 -6.44 -14.18 16.46
C TYR A 139 -5.68 -15.38 15.90
N GLY A 140 -4.66 -15.87 16.60
CA GLY A 140 -3.84 -16.94 16.07
C GLY A 140 -2.84 -16.48 15.02
N ILE A 141 -2.32 -15.26 15.15
CA ILE A 141 -1.37 -14.72 14.18
C ILE A 141 -0.15 -14.21 14.93
N PRO A 142 0.99 -14.12 14.25
CA PRO A 142 2.18 -13.56 14.89
C PRO A 142 2.06 -12.05 15.08
N TYR A 143 2.86 -11.54 16.00
CA TYR A 143 2.94 -10.11 16.27
C TYR A 143 4.39 -9.65 16.11
N ILE A 144 4.58 -8.57 15.35
CA ILE A 144 5.91 -8.05 15.03
C ILE A 144 5.94 -6.58 15.40
N GLU A 145 6.95 -6.18 16.15
CA GLU A 145 7.20 -4.77 16.44
C GLU A 145 8.17 -4.23 15.39
N THR A 146 7.74 -3.20 14.65
CA THR A 146 8.54 -2.66 13.56
C THR A 146 8.81 -1.18 13.79
N SER A 147 9.78 -0.67 13.02
CA SER A 147 10.11 0.75 12.99
C SER A 147 10.48 1.09 11.56
N ALA A 148 9.60 1.80 10.85
CA ALA A 148 9.91 2.21 9.50
C ALA A 148 11.01 3.27 9.45
N LYS A 149 11.25 3.96 10.56
CA LYS A 149 12.28 4.99 10.58
C LYS A 149 13.68 4.38 10.58
N THR A 150 13.85 3.20 11.17
CA THR A 150 15.16 2.57 11.30
C THR A 150 15.18 1.15 10.72
N ARG A 151 14.19 0.80 9.91
CA ARG A 151 14.07 -0.49 9.24
C ARG A 151 13.90 -1.68 10.19
N GLN A 152 13.68 -1.42 11.47
CA GLN A 152 13.58 -2.50 12.45
CA GLN A 152 13.58 -2.50 12.44
C GLN A 152 12.35 -3.37 12.16
N GLY A 153 12.57 -4.66 11.98
CA GLY A 153 11.50 -5.62 11.78
C GLY A 153 10.76 -5.50 10.47
N VAL A 154 11.14 -4.56 9.60
CA VAL A 154 10.42 -4.39 8.33
C VAL A 154 10.49 -5.66 7.51
N GLU A 155 11.70 -6.19 7.33
CA GLU A 155 11.85 -7.44 6.57
C GLU A 155 11.16 -8.60 7.29
N ASP A 156 11.29 -8.66 8.61
CA ASP A 156 10.67 -9.74 9.37
C ASP A 156 9.16 -9.70 9.24
N ALA A 157 8.56 -8.51 9.30
CA ALA A 157 7.11 -8.38 9.19
C ALA A 157 6.59 -8.93 7.87
N PHE A 158 7.19 -8.49 6.76
CA PHE A 158 6.73 -8.95 5.44
C PHE A 158 7.05 -10.42 5.22
N TYR A 159 8.25 -10.86 5.60
CA TYR A 159 8.63 -12.26 5.39
C TYR A 159 7.77 -13.19 6.23
N THR A 160 7.46 -12.78 7.46
CA THR A 160 6.58 -13.59 8.31
C THR A 160 5.19 -13.70 7.70
N LEU A 161 4.71 -12.63 7.08
CA LEU A 161 3.42 -12.69 6.39
C LEU A 161 3.45 -13.72 5.26
N VAL A 162 4.53 -13.72 4.48
CA VAL A 162 4.68 -14.71 3.40
C VAL A 162 4.61 -16.12 3.97
N ARG A 163 5.32 -16.37 5.07
CA ARG A 163 5.25 -17.67 5.72
C ARG A 163 3.85 -17.95 6.23
N GLU A 164 3.09 -16.92 6.60
CA GLU A 164 1.72 -17.14 7.04
C GLU A 164 0.80 -17.43 5.86
N ILE A 165 1.11 -16.90 4.68
CA ILE A 165 0.30 -17.18 3.50
C ILE A 165 0.55 -18.60 2.99
N ARG A 166 1.79 -19.10 3.13
CA ARG A 166 2.06 -20.47 2.71
C ARG A 166 1.22 -21.48 3.46
N GLN A 167 0.81 -21.16 4.69
CA GLN A 167 0.06 -22.12 5.49
C GLN A 167 -1.32 -22.42 4.90
N HIS A 168 -1.83 -21.55 4.03
CA HIS A 168 -3.12 -21.76 3.37
C HIS A 168 -2.99 -21.71 1.85
N LYS A 169 -1.78 -21.89 1.32
CA LYS A 169 -1.56 -21.89 -0.11
C LYS A 169 -1.89 -23.27 -0.68
N LEU A 170 -2.87 -23.31 -1.58
CA LEU A 170 -3.24 -24.58 -2.21
C LEU A 170 -2.77 -24.59 -3.66
N GLU B 1 -14.14 24.35 -8.17
CA GLU B 1 -13.03 23.42 -8.27
C GLU B 1 -13.34 22.14 -7.48
N PHE B 2 -13.10 20.99 -8.10
CA PHE B 2 -13.42 19.70 -7.50
C PHE B 2 -12.21 18.77 -7.60
N HIS B 3 -12.30 17.65 -6.91
CA HIS B 3 -11.23 16.65 -6.87
C HIS B 3 -11.78 15.28 -7.24
N GLY B 4 -10.93 14.49 -7.90
CA GLY B 4 -11.27 13.13 -8.23
C GLY B 4 -10.04 12.26 -8.13
N VAL B 5 -10.27 10.96 -8.00
CA VAL B 5 -9.20 9.98 -7.90
C VAL B 5 -8.86 9.47 -9.29
N MET B 6 -7.56 9.31 -9.56
CA MET B 6 -7.07 8.80 -10.83
C MET B 6 -6.00 7.74 -10.58
N ARG B 7 -5.98 6.71 -11.42
CA ARG B 7 -5.00 5.65 -11.35
C ARG B 7 -3.92 5.85 -12.41
N PHE B 8 -2.67 5.62 -12.02
CA PHE B 8 -1.55 5.77 -12.93
C PHE B 8 -0.71 4.50 -12.92
N TYR B 9 -0.31 4.07 -14.11
CA TYR B 9 0.58 2.93 -14.28
C TYR B 9 1.95 3.42 -14.70
N PHE B 10 2.98 2.70 -14.27
CA PHE B 10 4.35 2.96 -14.71
C PHE B 10 5.23 1.79 -14.31
N GLN B 11 6.31 1.61 -15.06
CA GLN B 11 7.26 0.53 -14.80
C GLN B 11 8.69 1.07 -14.69
N ALA B 19 4.50 0.70 -9.03
CA ALA B 19 4.01 0.17 -10.29
C ALA B 19 2.58 0.66 -10.58
N THR B 20 1.88 1.10 -9.54
CA THR B 20 0.52 1.59 -9.69
C THR B 20 0.20 2.51 -8.51
N LYS B 21 -0.31 3.69 -8.80
CA LYS B 21 -0.66 4.67 -7.77
C LYS B 21 -2.01 5.29 -8.10
N CYS B 22 -2.88 5.35 -7.09
CA CYS B 22 -4.13 6.10 -7.14
C CYS B 22 -3.97 7.34 -6.28
N ILE B 23 -4.19 8.51 -6.86
CA ILE B 23 -4.03 9.77 -6.13
C ILE B 23 -5.24 10.65 -6.38
N ARG B 24 -5.53 11.52 -5.41
CA ARG B 24 -6.60 12.49 -5.56
C ARG B 24 -6.07 13.71 -6.30
N VAL B 25 -6.67 14.02 -7.45
CA VAL B 25 -6.17 15.04 -8.36
C VAL B 25 -7.20 16.15 -8.46
N SER B 26 -6.72 17.39 -8.44
CA SER B 26 -7.58 18.55 -8.53
C SER B 26 -8.06 18.76 -9.96
N SER B 27 -9.20 19.46 -10.08
CA SER B 27 -9.71 19.83 -11.39
C SER B 27 -8.80 20.82 -12.10
N THR B 28 -7.89 21.46 -11.37
CA THR B 28 -7.01 22.48 -11.91
C THR B 28 -5.59 21.99 -12.14
N ALA B 29 -5.26 20.80 -11.65
CA ALA B 29 -3.90 20.28 -11.79
C ALA B 29 -3.57 20.02 -13.25
N THR B 30 -2.43 20.52 -13.69
CA THR B 30 -1.96 20.30 -15.05
C THR B 30 -1.16 18.99 -15.13
N THR B 31 -0.81 18.60 -16.36
CA THR B 31 0.02 17.42 -16.56
C THR B 31 1.38 17.57 -15.90
N GLN B 32 1.95 18.79 -15.94
CA GLN B 32 3.26 19.00 -15.34
C GLN B 32 3.22 18.79 -13.84
N ASP B 33 2.17 19.27 -13.18
CA ASP B 33 2.05 19.07 -11.74
C ASP B 33 1.86 17.59 -11.40
N VAL B 34 1.05 16.88 -12.19
CA VAL B 34 0.81 15.46 -11.94
C VAL B 34 2.10 14.67 -12.10
N ILE B 35 2.85 14.94 -13.17
CA ILE B 35 4.11 14.24 -13.41
C ILE B 35 5.09 14.50 -12.27
N GLU B 36 5.22 15.76 -11.85
CA GLU B 36 6.12 16.09 -10.75
C GLU B 36 5.68 15.44 -9.46
N THR B 37 4.37 15.32 -9.24
CA THR B 37 3.86 14.65 -8.05
C THR B 37 4.21 13.16 -8.07
N LEU B 38 3.97 12.50 -9.21
CA LEU B 38 4.31 11.08 -9.33
C LEU B 38 5.81 10.86 -9.28
N ALA B 39 6.59 11.78 -9.84
CA ALA B 39 8.04 11.64 -9.83
C ALA B 39 8.59 11.73 -8.41
N GLU B 40 8.11 12.69 -7.62
CA GLU B 40 8.56 12.82 -6.24
C GLU B 40 8.11 11.64 -5.39
N LYS B 41 6.96 11.04 -5.72
CA LYS B 41 6.43 9.94 -4.92
C LYS B 41 7.30 8.68 -5.00
N PHE B 42 8.14 8.54 -6.03
CA PHE B 42 8.98 7.37 -6.18
C PHE B 42 10.44 7.67 -6.52
N ARG B 43 10.79 8.89 -6.93
CA ARG B 43 12.17 9.22 -7.24
C ARG B 43 12.44 10.67 -6.85
N PRO B 44 12.92 10.90 -5.62
CA PRO B 44 13.28 12.25 -5.19
C PRO B 44 14.39 12.87 -6.02
N ASP B 45 14.77 14.11 -5.70
CA ASP B 45 15.81 14.86 -6.43
C ASP B 45 15.38 15.14 -7.87
N MET B 46 14.07 15.24 -8.09
CA MET B 46 13.54 15.55 -9.42
C MET B 46 13.79 17.01 -9.76
N LYS B 53 12.75 13.93 -16.35
CA LYS B 53 11.92 14.15 -17.52
C LYS B 53 10.98 12.97 -17.76
N TYR B 54 9.69 13.19 -17.55
CA TYR B 54 8.68 12.18 -17.74
C TYR B 54 7.54 12.74 -18.58
N SER B 55 6.73 11.84 -19.14
CA SER B 55 5.59 12.22 -19.96
C SER B 55 4.42 11.32 -19.65
N LEU B 56 3.21 11.86 -19.78
CA LEU B 56 1.97 11.16 -19.45
C LEU B 56 1.19 10.83 -20.71
N TYR B 57 0.68 9.61 -20.78
CA TYR B 57 -0.06 9.14 -21.94
C TYR B 57 -1.36 8.50 -21.50
N GLU B 58 -2.44 8.80 -22.22
CA GLU B 58 -3.69 8.07 -22.10
C GLU B 58 -3.65 6.91 -23.09
N VAL B 59 -4.02 5.73 -22.63
CA VAL B 59 -3.87 4.50 -23.41
C VAL B 59 -5.23 3.81 -23.51
N HIS B 60 -5.69 3.59 -24.74
CA HIS B 60 -6.89 2.84 -25.03
C HIS B 60 -6.54 1.69 -25.97
N VAL B 61 -7.49 0.76 -26.13
CA VAL B 61 -7.29 -0.30 -27.11
C VAL B 61 -7.30 0.27 -28.52
N SER B 62 -7.84 1.48 -28.72
CA SER B 62 -7.86 2.10 -30.03
C SER B 62 -6.56 2.81 -30.38
N GLY B 63 -5.75 3.15 -29.38
CA GLY B 63 -4.49 3.82 -29.65
C GLY B 63 -3.99 4.56 -28.42
N GLU B 64 -2.83 5.17 -28.60
CA GLU B 64 -2.16 5.93 -27.55
C GLU B 64 -2.10 7.40 -27.93
N ARG B 65 -1.93 8.25 -26.91
CA ARG B 65 -1.93 9.68 -27.09
C ARG B 65 -1.20 10.33 -25.93
N ARG B 66 -0.45 11.40 -26.21
CA ARG B 66 0.32 12.10 -25.20
C ARG B 66 -0.40 13.37 -24.76
N LEU B 67 -0.43 13.60 -23.45
CA LEU B 67 -1.09 14.76 -22.89
C LEU B 67 -0.15 15.96 -22.92
N ASP B 68 -0.72 17.14 -23.17
CA ASP B 68 0.08 18.36 -23.20
C ASP B 68 0.30 18.89 -21.79
N ILE B 69 1.30 19.77 -21.65
CA ILE B 69 1.72 20.23 -20.33
C ILE B 69 0.59 20.96 -19.62
N ASP B 70 -0.09 21.88 -20.33
CA ASP B 70 -1.16 22.65 -19.73
C ASP B 70 -2.47 21.87 -19.62
N GLU B 71 -2.53 20.66 -20.16
CA GLU B 71 -3.75 19.88 -20.14
C GLU B 71 -4.05 19.38 -18.72
N LYS B 72 -5.34 19.16 -18.45
CA LYS B 72 -5.80 18.73 -17.14
C LYS B 72 -6.16 17.25 -17.20
N PRO B 73 -5.33 16.36 -16.65
CA PRO B 73 -5.63 14.92 -16.78
C PRO B 73 -6.94 14.49 -16.14
N LEU B 74 -7.41 15.19 -15.10
CA LEU B 74 -8.68 14.83 -14.50
C LEU B 74 -9.83 15.10 -15.46
N VAL B 75 -9.79 16.22 -16.18
CA VAL B 75 -10.84 16.53 -17.15
C VAL B 75 -10.74 15.60 -18.35
N VAL B 76 -9.51 15.23 -18.73
CA VAL B 76 -9.33 14.27 -19.82
C VAL B 76 -9.93 12.92 -19.44
N GLN B 77 -9.77 12.52 -18.18
CA GLN B 77 -10.28 11.22 -17.75
C GLN B 77 -11.80 11.16 -17.86
N LEU B 78 -12.49 12.16 -17.32
CA LEU B 78 -13.96 12.10 -17.37
C LEU B 78 -14.52 12.44 -18.75
N ASN B 79 -13.66 12.73 -19.74
CA ASN B 79 -14.13 12.88 -21.11
C ASN B 79 -14.32 11.54 -21.82
N TRP B 80 -13.85 10.44 -21.24
CA TRP B 80 -14.02 9.12 -21.83
C TRP B 80 -15.47 8.69 -21.83
N ASP B 84 -17.36 3.54 -23.08
CA ASP B 84 -16.76 2.89 -24.24
C ASP B 84 -15.29 3.25 -24.36
N ARG B 85 -14.62 3.37 -23.21
CA ARG B 85 -13.19 3.72 -23.21
C ARG B 85 -12.60 3.22 -21.89
N GLU B 86 -11.95 2.06 -21.95
CA GLU B 86 -11.22 1.53 -20.79
C GLU B 86 -9.82 2.13 -20.75
N GLY B 87 -9.75 3.46 -20.88
CA GLY B 87 -8.47 4.13 -20.94
C GLY B 87 -7.67 3.98 -19.67
N ARG B 88 -6.35 4.10 -19.81
CA ARG B 88 -5.43 4.02 -18.69
C ARG B 88 -4.32 5.03 -18.91
N PHE B 89 -4.04 5.82 -17.88
CA PHE B 89 -2.96 6.79 -17.91
C PHE B 89 -1.65 6.10 -17.52
N VAL B 90 -0.61 6.36 -18.31
CA VAL B 90 0.69 5.73 -18.11
C VAL B 90 1.75 6.81 -18.02
N LEU B 91 2.61 6.70 -17.00
CA LEU B 91 3.80 7.54 -16.90
C LEU B 91 4.97 6.83 -17.57
N LYS B 92 5.74 7.59 -18.36
CA LYS B 92 6.85 7.03 -19.10
C LYS B 92 8.07 7.94 -18.97
N ASN B 93 9.23 7.38 -19.32
CA ASN B 93 10.49 8.12 -19.33
C ASN B 93 11.28 7.74 -20.57
N GLU B 94 11.85 8.74 -21.24
CA GLU B 94 12.71 8.48 -22.39
C GLU B 94 13.96 7.71 -21.99
N ASN B 95 14.41 7.87 -20.75
CA ASN B 95 15.57 7.15 -20.25
C ASN B 95 15.25 5.68 -20.03
PG GNP C . -2.30 6.59 5.42
O1G GNP C . -2.89 7.97 5.32
O2G GNP C . -3.21 5.57 6.07
O3G GNP C . -1.84 6.25 4.02
N3B GNP C . -1.03 6.74 6.36
PB GNP C . 0.09 5.62 6.49
O1B GNP C . -0.43 4.50 7.30
O2B GNP C . 0.57 5.32 5.12
O3A GNP C . 1.24 6.23 7.26
PA GNP C . 2.42 6.91 6.57
O1A GNP C . 1.95 7.90 5.58
O2A GNP C . 3.34 5.85 6.10
O5' GNP C . 3.22 7.73 7.65
C5' GNP C . 2.54 8.59 8.56
C4' GNP C . 3.53 9.45 9.33
O4' GNP C . 4.20 8.66 10.35
C3' GNP C . 4.64 10.07 8.49
O3' GNP C . 4.92 11.36 8.98
C2' GNP C . 5.82 9.11 8.70
O2' GNP C . 7.06 9.77 8.56
C1' GNP C . 5.60 8.67 10.14
N9 GNP C . 6.09 7.33 10.43
C8 GNP C . 5.83 6.18 9.72
N7 GNP C . 6.41 5.12 10.21
C5 GNP C . 7.09 5.58 11.33
C6 GNP C . 7.89 4.89 12.27
O6 GNP C . 8.18 3.69 12.30
N1 GNP C . 8.40 5.75 13.24
C2 GNP C . 8.15 7.10 13.31
N2 GNP C . 8.73 7.76 14.33
N3 GNP C . 7.40 7.76 12.44
C4 GNP C . 6.90 6.94 11.48
MG MG D . 0.16 6.64 3.51
#